data_6P9L
#
_entry.id   6P9L
#
_cell.length_a   77.804
_cell.length_b   77.804
_cell.length_c   146.374
_cell.angle_alpha   90.000
_cell.angle_beta   90.000
_cell.angle_gamma   120.000
#
_symmetry.space_group_name_H-M   'P 31 2 1'
#
loop_
_entity.id
_entity.type
_entity.pdbx_description
1 polymer '3-oxoacyl-[acyl-carrier-protein] synthase 1'
2 non-polymer 4-fluoro-N-(3-methyl-1H-indazol-5-yl)butane-1-sulfonamide
3 non-polymer 'SODIUM ION'
4 non-polymer GLYCEROL
5 non-polymer 'ISOPROPYL ALCOHOL'
6 water water
#
_entity_poly.entity_id   1
_entity_poly.type   'polypeptide(L)'
_entity_poly.pdbx_seq_one_letter_code
;QPSTANGGFPSVVVTAVTATTSISPDIESTWKGLLAGESGIHALEDEFVTKWDLAVKIGGHLKDPVDSHMGRLDMRRMSY
VQRMGKLLGGQLWESAGSPEVDPDRFAVVVGTGLGGAERIVESYDLMNAGGPRKVSPLAVQMIMPNGAAAVIGLQLGARA
GVMTPVSACSSGSEAIAHAWRQIVMGDADVAVCGGVEGPIEALPIAAFSMMRAMSTRNDEPERASRPFDKDRDGFVFGEA
GALMLIETEEHAKARGAKPLARLLGAGITSDAFHMVAPAADGVRAGRAMTRSLELAGLSPADIDHVNAHGTATPIGDAAE
ANAIRVAGCDQAAVYAPKSALGHSIGAVGALESVLTVLTLRDGVIPPTLNYETPDPEIDLDVVAGEPRYGDYRYAVNNSF
GFGGHNVALAFGRY
;
_entity_poly.pdbx_strand_id   A
#
# COMPACT_ATOMS: atom_id res chain seq x y z
N GLN A 1 -16.77 -11.49 23.99
CA GLN A 1 -15.73 -10.79 23.25
C GLN A 1 -16.07 -10.70 21.77
N PRO A 2 -16.16 -9.49 21.24
CA PRO A 2 -16.62 -9.32 19.85
C PRO A 2 -15.58 -9.79 18.84
N SER A 3 -16.08 -10.27 17.71
CA SER A 3 -15.22 -10.77 16.64
C SER A 3 -16.05 -10.86 15.36
N THR A 4 -15.34 -10.92 14.23
CA THR A 4 -16.03 -11.04 12.95
C THR A 4 -16.71 -12.39 12.82
N ALA A 5 -16.06 -13.46 13.29
CA ALA A 5 -16.59 -14.80 13.11
C ALA A 5 -17.84 -15.04 13.97
N ASN A 6 -17.86 -14.49 15.19
CA ASN A 6 -18.97 -14.71 16.11
C ASN A 6 -20.02 -13.60 16.05
N GLY A 7 -20.00 -12.78 15.01
CA GLY A 7 -21.00 -11.76 14.83
C GLY A 7 -20.86 -10.51 15.67
N GLY A 8 -19.79 -10.40 16.47
CA GLY A 8 -19.58 -9.20 17.26
C GLY A 8 -19.32 -7.98 16.41
N PHE A 9 -18.74 -8.16 15.23
CA PHE A 9 -18.51 -7.14 14.23
C PHE A 9 -19.33 -7.46 12.98
N PRO A 10 -19.92 -6.47 12.33
CA PRO A 10 -20.61 -6.73 11.07
C PRO A 10 -19.63 -7.17 9.98
N SER A 11 -20.13 -7.98 9.07
CA SER A 11 -19.30 -8.48 7.98
C SER A 11 -19.00 -7.35 6.99
N VAL A 12 -17.71 -7.16 6.69
CA VAL A 12 -17.24 -6.13 5.78
C VAL A 12 -16.58 -6.81 4.59
N VAL A 13 -16.93 -6.37 3.38
CA VAL A 13 -16.44 -6.97 2.15
C VAL A 13 -15.82 -5.89 1.26
N VAL A 14 -14.92 -6.32 0.38
CA VAL A 14 -14.30 -5.46 -0.62
C VAL A 14 -15.05 -5.64 -1.93
N THR A 15 -15.52 -4.55 -2.51
CA THR A 15 -16.37 -4.61 -3.70
C THR A 15 -15.74 -4.00 -4.94
N ALA A 16 -14.66 -3.24 -4.81
CA ALA A 16 -13.99 -2.67 -5.97
C ALA A 16 -12.59 -2.27 -5.59
N VAL A 17 -11.66 -2.39 -6.55
CA VAL A 17 -10.27 -2.03 -6.36
C VAL A 17 -9.77 -1.26 -7.58
N THR A 18 -8.80 -0.38 -7.34
CA THR A 18 -8.15 0.37 -8.41
CA THR A 18 -8.16 0.38 -8.40
C THR A 18 -6.73 0.67 -7.98
N ALA A 19 -5.82 0.69 -8.96
CA ALA A 19 -4.43 0.99 -8.64
C ALA A 19 -3.71 1.40 -9.91
N THR A 20 -2.78 2.34 -9.77
CA THR A 20 -1.82 2.65 -10.81
C THR A 20 -0.44 2.20 -10.34
N THR A 21 0.37 1.73 -11.29
CA THR A 21 1.50 0.88 -10.96
C THR A 21 2.59 1.06 -12.01
N SER A 22 3.84 0.74 -11.63
CA SER A 22 4.94 0.76 -12.59
C SER A 22 4.80 -0.29 -13.68
N ILE A 23 3.86 -1.21 -13.55
CA ILE A 23 3.58 -2.20 -14.59
C ILE A 23 2.43 -1.76 -15.49
N SER A 24 1.37 -1.18 -14.91
CA SER A 24 0.19 -0.85 -15.69
C SER A 24 -0.65 0.15 -14.92
N PRO A 25 -1.43 1.00 -15.62
CA PRO A 25 -2.41 1.83 -14.94
C PRO A 25 -3.69 1.09 -14.57
N ASP A 26 -3.86 -0.15 -15.02
N ASP A 26 -3.86 -0.14 -15.03
CA ASP A 26 -5.05 -0.94 -14.74
CA ASP A 26 -5.03 -0.96 -14.75
C ASP A 26 -4.68 -2.10 -13.83
C ASP A 26 -4.64 -2.08 -13.80
N ILE A 27 -5.42 -2.25 -12.73
CA ILE A 27 -5.07 -3.24 -11.71
C ILE A 27 -5.18 -4.65 -12.26
N GLU A 28 -6.13 -4.91 -13.17
CA GLU A 28 -6.23 -6.26 -13.72
C GLU A 28 -5.07 -6.56 -14.66
N SER A 29 -4.58 -5.57 -15.39
CA SER A 29 -3.39 -5.77 -16.23
C SER A 29 -2.13 -5.88 -15.37
N THR A 30 -2.08 -5.19 -14.24
CA THR A 30 -0.96 -5.37 -13.32
C THR A 30 -0.95 -6.78 -12.74
N TRP A 31 -2.12 -7.28 -12.35
CA TRP A 31 -2.24 -8.65 -11.84
C TRP A 31 -1.71 -9.65 -12.86
N LYS A 32 -2.17 -9.55 -14.10
CA LYS A 32 -1.75 -10.49 -15.13
C LYS A 32 -0.25 -10.37 -15.43
N GLY A 33 0.29 -9.16 -15.34
CA GLY A 33 1.72 -9.00 -15.53
C GLY A 33 2.51 -9.65 -14.41
N LEU A 34 2.06 -9.47 -13.17
CA LEU A 34 2.70 -10.13 -12.04
C LEU A 34 2.69 -11.65 -12.21
N LEU A 35 1.57 -12.20 -12.68
CA LEU A 35 1.48 -13.65 -12.86
C LEU A 35 2.40 -14.14 -13.97
N ALA A 36 2.70 -13.31 -14.95
CA ALA A 36 3.63 -13.65 -16.01
C ALA A 36 5.08 -13.34 -15.66
N GLY A 37 5.35 -12.98 -14.40
CA GLY A 37 6.71 -12.71 -13.98
C GLY A 37 7.27 -11.37 -14.41
N GLU A 38 6.42 -10.43 -14.81
CA GLU A 38 6.91 -9.14 -15.24
C GLU A 38 7.43 -8.34 -14.05
N SER A 39 8.29 -7.37 -14.34
CA SER A 39 8.79 -6.44 -13.34
C SER A 39 8.61 -5.01 -13.83
N GLY A 40 8.32 -4.10 -12.91
CA GLY A 40 8.22 -2.70 -13.24
C GLY A 40 9.48 -1.90 -13.02
N ILE A 41 10.55 -2.54 -12.55
CA ILE A 41 11.78 -1.86 -12.19
C ILE A 41 12.71 -1.85 -13.39
N HIS A 42 13.12 -0.66 -13.82
CA HIS A 42 14.01 -0.48 -14.96
C HIS A 42 15.09 0.54 -14.60
N ALA A 43 15.98 0.77 -15.55
CA ALA A 43 16.99 1.81 -15.36
C ALA A 43 16.34 3.19 -15.46
N LEU A 44 16.67 4.05 -14.50
CA LEU A 44 16.11 5.40 -14.48
C LEU A 44 16.75 6.25 -15.57
N GLU A 45 15.94 6.66 -16.54
CA GLU A 45 16.40 7.53 -17.62
C GLU A 45 16.23 9.01 -17.27
N ASP A 46 15.91 9.31 -16.02
CA ASP A 46 15.79 10.69 -15.59
C ASP A 46 17.15 11.36 -15.54
N GLU A 47 17.14 12.67 -15.80
CA GLU A 47 18.37 13.44 -15.91
C GLU A 47 18.97 13.75 -14.55
N PHE A 48 18.17 13.71 -13.49
CA PHE A 48 18.70 13.95 -12.16
C PHE A 48 19.63 12.84 -11.68
N VAL A 49 19.57 11.65 -12.29
CA VAL A 49 20.48 10.58 -11.90
C VAL A 49 21.87 10.87 -12.43
N THR A 50 21.97 11.32 -13.68
CA THR A 50 23.27 11.70 -14.23
C THR A 50 23.78 13.00 -13.63
N LYS A 51 22.87 13.88 -13.20
CA LYS A 51 23.28 15.19 -12.70
C LYS A 51 24.03 15.06 -11.37
N TRP A 52 23.47 14.29 -10.42
CA TRP A 52 24.07 14.13 -9.11
C TRP A 52 24.86 12.83 -8.96
N ASP A 53 24.86 11.98 -9.96
CA ASP A 53 25.56 10.69 -9.93
C ASP A 53 25.17 9.89 -8.69
N LEU A 54 23.89 9.49 -8.70
CA LEU A 54 23.30 8.84 -7.55
C LEU A 54 23.83 7.42 -7.39
N ALA A 55 23.90 6.97 -6.14
CA ALA A 55 24.30 5.59 -5.88
C ALA A 55 23.31 4.60 -6.50
N VAL A 56 22.03 4.93 -6.49
CA VAL A 56 21.03 4.08 -7.12
C VAL A 56 20.63 4.72 -8.43
N LYS A 57 20.45 3.89 -9.46
CA LYS A 57 20.06 4.35 -10.79
C LYS A 57 18.88 3.54 -11.33
N ILE A 58 18.15 2.87 -10.44
CA ILE A 58 17.06 1.99 -10.83
C ILE A 58 15.79 2.37 -10.07
N GLY A 59 14.66 1.97 -10.61
CA GLY A 59 13.38 2.28 -10.01
C GLY A 59 12.26 2.07 -11.02
N GLY A 60 11.05 2.14 -10.50
CA GLY A 60 9.87 1.97 -11.33
C GLY A 60 8.94 3.16 -11.34
N HIS A 61 9.04 3.97 -12.38
CA HIS A 61 8.03 5.01 -12.60
C HIS A 61 6.72 4.37 -13.01
N LEU A 62 5.63 5.10 -12.76
CA LEU A 62 4.31 4.63 -13.19
C LEU A 62 4.33 4.38 -14.69
N LYS A 63 3.72 3.28 -15.11
CA LYS A 63 3.59 3.00 -16.54
C LYS A 63 2.85 4.12 -17.25
N ASP A 64 1.80 4.63 -16.62
CA ASP A 64 1.02 5.75 -17.16
C ASP A 64 1.08 6.91 -16.18
N PRO A 65 1.84 7.96 -16.47
CA PRO A 65 2.00 9.06 -15.51
C PRO A 65 0.66 9.71 -15.18
N VAL A 66 0.53 10.14 -13.92
CA VAL A 66 -0.71 10.76 -13.46
C VAL A 66 -0.99 12.04 -14.24
N ASP A 67 0.04 12.85 -14.48
CA ASP A 67 -0.15 14.15 -15.12
C ASP A 67 -0.51 14.05 -16.60
N SER A 68 -0.40 12.88 -17.21
CA SER A 68 -0.93 12.72 -18.56
C SER A 68 -2.45 12.67 -18.56
N HIS A 69 -3.09 12.58 -17.39
CA HIS A 69 -4.54 12.63 -17.24
C HIS A 69 -5.00 13.95 -16.64
N MET A 70 -4.14 14.97 -16.64
CA MET A 70 -4.42 16.21 -15.92
C MET A 70 -4.27 17.40 -16.86
N GLY A 71 -5.28 18.27 -16.87
CA GLY A 71 -5.22 19.51 -17.62
C GLY A 71 -4.56 20.61 -16.81
N ARG A 72 -4.58 21.82 -17.38
CA ARG A 72 -3.91 22.96 -16.75
C ARG A 72 -4.57 23.31 -15.42
N LEU A 73 -5.90 23.19 -15.35
CA LEU A 73 -6.61 23.49 -14.10
C LEU A 73 -6.07 22.65 -12.95
N ASP A 74 -6.04 21.33 -13.13
CA ASP A 74 -5.59 20.44 -12.06
C ASP A 74 -4.12 20.65 -11.74
N MET A 75 -3.31 21.05 -12.73
CA MET A 75 -1.87 21.18 -12.51
C MET A 75 -1.52 22.36 -11.60
N ARG A 76 -2.44 23.33 -11.44
CA ARG A 76 -2.23 24.45 -10.53
C ARG A 76 -3.14 24.41 -9.31
N ARG A 77 -4.25 23.68 -9.36
CA ARG A 77 -5.22 23.62 -8.28
C ARG A 77 -4.90 22.54 -7.26
N MET A 78 -4.05 21.57 -7.60
CA MET A 78 -3.81 20.43 -6.73
C MET A 78 -2.33 20.07 -6.71
N SER A 79 -1.92 19.43 -5.61
CA SER A 79 -0.60 18.83 -5.52
C SER A 79 -0.61 17.47 -6.23
N TYR A 80 0.56 16.84 -6.31
CA TYR A 80 0.67 15.57 -7.02
C TYR A 80 -0.24 14.51 -6.40
N VAL A 81 -0.16 14.32 -5.09
CA VAL A 81 -0.94 13.25 -4.46
C VAL A 81 -2.43 13.54 -4.55
N GLN A 82 -2.82 14.81 -4.53
CA GLN A 82 -4.22 15.15 -4.76
C GLN A 82 -4.63 14.76 -6.16
N ARG A 83 -3.77 15.04 -7.15
CA ARG A 83 -4.08 14.66 -8.53
C ARG A 83 -4.15 13.14 -8.68
N MET A 84 -3.24 12.42 -8.03
CA MET A 84 -3.33 10.96 -8.05
C MET A 84 -4.60 10.49 -7.35
N GLY A 85 -4.97 11.14 -6.23
CA GLY A 85 -6.16 10.74 -5.52
C GLY A 85 -7.44 10.99 -6.30
N LYS A 86 -7.50 12.12 -7.01
CA LYS A 86 -8.65 12.39 -7.86
C LYS A 86 -8.76 11.38 -8.99
N LEU A 87 -7.63 11.04 -9.61
CA LEU A 87 -7.64 10.04 -10.69
C LEU A 87 -8.12 8.69 -10.19
N LEU A 88 -7.53 8.21 -9.10
CA LEU A 88 -7.91 6.90 -8.57
C LEU A 88 -9.32 6.92 -7.98
N GLY A 89 -9.69 8.02 -7.32
CA GLY A 89 -11.04 8.11 -6.78
C GLY A 89 -12.09 7.98 -7.87
N GLY A 90 -11.87 8.66 -9.00
CA GLY A 90 -12.84 8.57 -10.09
C GLY A 90 -12.88 7.21 -10.75
N GLN A 91 -11.71 6.58 -10.94
CA GLN A 91 -11.68 5.26 -11.54
C GLN A 91 -12.32 4.23 -10.63
N LEU A 92 -12.10 4.33 -9.32
CA LEU A 92 -12.69 3.36 -8.39
C LEU A 92 -14.20 3.45 -8.39
N TRP A 93 -14.75 4.67 -8.39
CA TRP A 93 -16.20 4.82 -8.32
C TRP A 93 -16.88 4.26 -9.56
N GLU A 94 -16.34 4.53 -10.74
CA GLU A 94 -16.91 3.97 -11.97
C GLU A 94 -16.79 2.45 -11.99
N SER A 95 -15.65 1.92 -11.57
CA SER A 95 -15.46 0.48 -11.50
C SER A 95 -16.46 -0.20 -10.58
N ALA A 96 -17.01 0.54 -9.61
CA ALA A 96 -17.98 -0.01 -8.68
C ALA A 96 -19.42 0.20 -9.13
N GLY A 97 -19.63 0.67 -10.36
CA GLY A 97 -20.96 0.94 -10.86
C GLY A 97 -21.49 2.33 -10.58
N SER A 98 -20.64 3.23 -10.09
CA SER A 98 -21.04 4.58 -9.71
C SER A 98 -22.26 4.58 -8.80
N PRO A 99 -22.20 3.88 -7.66
CA PRO A 99 -23.38 3.74 -6.83
C PRO A 99 -23.76 5.06 -6.17
N GLU A 100 -25.02 5.15 -5.78
CA GLU A 100 -25.52 6.29 -5.02
C GLU A 100 -25.70 5.82 -3.59
N VAL A 101 -24.78 6.21 -2.73
CA VAL A 101 -24.78 5.81 -1.35
C VAL A 101 -25.30 6.97 -0.50
N ASP A 102 -25.66 6.68 0.74
CA ASP A 102 -26.01 7.73 1.67
C ASP A 102 -24.75 8.49 2.06
N PRO A 103 -24.63 9.77 1.70
CA PRO A 103 -23.39 10.50 2.03
C PRO A 103 -23.08 10.51 3.52
N ASP A 104 -24.10 10.50 4.38
CA ASP A 104 -23.87 10.52 5.81
C ASP A 104 -23.39 9.19 6.36
N ARG A 105 -23.37 8.13 5.53
CA ARG A 105 -22.84 6.83 5.93
C ARG A 105 -21.60 6.45 5.14
N PHE A 106 -20.97 7.42 4.48
CA PHE A 106 -19.88 7.19 3.54
C PHE A 106 -18.63 7.89 4.05
N ALA A 107 -17.55 7.12 4.25
CA ALA A 107 -16.30 7.62 4.79
C ALA A 107 -15.17 7.47 3.76
N VAL A 108 -14.10 8.23 3.98
CA VAL A 108 -12.90 8.15 3.16
C VAL A 108 -11.70 8.15 4.10
N VAL A 109 -10.79 7.19 3.91
CA VAL A 109 -9.56 7.10 4.70
C VAL A 109 -8.43 6.82 3.73
N VAL A 110 -7.58 7.81 3.48
CA VAL A 110 -6.51 7.68 2.49
C VAL A 110 -5.21 8.12 3.14
N GLY A 111 -4.26 7.20 3.26
CA GLY A 111 -2.98 7.51 3.85
C GLY A 111 -1.98 8.02 2.83
N THR A 112 -0.92 8.64 3.33
CA THR A 112 0.18 9.08 2.49
C THR A 112 1.42 9.20 3.35
N GLY A 113 2.58 9.07 2.71
CA GLY A 113 3.83 9.12 3.46
C GLY A 113 4.24 10.52 3.87
N LEU A 114 3.86 11.53 3.09
CA LEU A 114 4.32 12.88 3.39
C LEU A 114 3.26 13.93 3.02
N GLY A 115 2.86 13.98 1.75
CA GLY A 115 1.81 14.92 1.34
C GLY A 115 2.19 15.80 0.18
N GLY A 116 1.74 17.05 0.19
CA GLY A 116 2.02 17.97 -0.90
C GLY A 116 3.28 18.78 -0.68
N ALA A 117 4.42 18.09 -0.53
CA ALA A 117 5.65 18.76 -0.15
C ALA A 117 6.17 19.67 -1.26
N GLU A 118 6.07 19.25 -2.52
CA GLU A 118 6.57 20.06 -3.62
C GLU A 118 5.89 21.43 -3.69
N ARG A 119 4.69 21.56 -3.13
CA ARG A 119 3.99 22.83 -3.13
C ARG A 119 4.51 23.79 -2.07
N ILE A 120 5.21 23.28 -1.05
CA ILE A 120 5.77 24.16 -0.02
C ILE A 120 6.98 24.92 -0.58
N VAL A 121 7.90 24.20 -1.22
CA VAL A 121 9.07 24.86 -1.78
C VAL A 121 8.67 25.75 -2.95
N GLU A 122 7.56 25.43 -3.62
CA GLU A 122 7.08 26.30 -4.69
C GLU A 122 6.57 27.63 -4.13
N SER A 123 5.76 27.56 -3.08
CA SER A 123 5.32 28.79 -2.41
C SER A 123 6.49 29.51 -1.75
N TYR A 124 7.51 28.76 -1.32
CA TYR A 124 8.73 29.37 -0.80
C TYR A 124 9.37 30.29 -1.84
N ASP A 125 9.50 29.80 -3.08
CA ASP A 125 10.10 30.62 -4.14
C ASP A 125 9.14 31.69 -4.66
N LEU A 126 7.85 31.42 -4.65
CA LEU A 126 6.89 32.36 -5.23
C LEU A 126 6.81 33.66 -4.43
N MET A 127 7.09 33.61 -3.12
CA MET A 127 7.08 34.82 -2.30
C MET A 127 8.46 35.47 -2.22
N ASN A 128 9.53 34.68 -2.28
CA ASN A 128 10.87 35.25 -2.39
C ASN A 128 11.02 36.08 -3.65
N ALA A 129 10.25 35.76 -4.70
CA ALA A 129 10.34 36.45 -5.98
C ALA A 129 9.41 37.66 -6.06
N GLY A 130 8.19 37.55 -5.54
CA GLY A 130 7.21 38.59 -5.75
C GLY A 130 6.54 39.14 -4.51
N GLY A 131 6.77 38.52 -3.36
CA GLY A 131 6.17 38.97 -2.12
C GLY A 131 5.07 38.06 -1.62
N PRO A 132 4.52 38.38 -0.45
CA PRO A 132 3.50 37.49 0.14
C PRO A 132 2.22 37.40 -0.67
N ARG A 133 1.85 38.44 -1.41
CA ARG A 133 0.60 38.42 -2.16
C ARG A 133 0.67 37.57 -3.42
N LYS A 134 1.85 37.05 -3.76
CA LYS A 134 2.01 36.17 -4.91
C LYS A 134 1.87 34.70 -4.56
N VAL A 135 1.47 34.39 -3.32
CA VAL A 135 1.16 33.03 -2.91
C VAL A 135 -0.32 32.78 -3.16
N SER A 136 -0.64 31.68 -3.81
CA SER A 136 -2.02 31.44 -4.24
C SER A 136 -2.94 31.29 -3.04
N PRO A 137 -4.19 31.76 -3.13
CA PRO A 137 -5.17 31.47 -2.07
C PRO A 137 -5.50 29.99 -1.96
N LEU A 138 -5.08 29.17 -2.93
CA LEU A 138 -5.26 27.73 -2.90
C LEU A 138 -4.06 27.01 -2.29
N ALA A 139 -3.06 27.75 -1.79
CA ALA A 139 -1.84 27.11 -1.32
C ALA A 139 -2.08 26.25 -0.09
N VAL A 140 -2.97 26.68 0.81
CA VAL A 140 -3.20 25.91 2.02
C VAL A 140 -3.81 24.55 1.69
N GLN A 141 -4.83 24.54 0.82
CA GLN A 141 -5.52 23.29 0.51
C GLN A 141 -4.68 22.36 -0.35
N MET A 142 -3.60 22.86 -0.97
CA MET A 142 -2.68 22.00 -1.70
C MET A 142 -1.58 21.42 -0.81
N ILE A 143 -1.14 22.18 0.19
CA ILE A 143 0.01 21.77 0.99
C ILE A 143 -0.40 20.77 2.07
N MET A 144 -1.59 20.94 2.66
CA MET A 144 -1.97 20.15 3.81
C MET A 144 -1.99 18.66 3.48
N PRO A 145 -1.31 17.81 4.25
CA PRO A 145 -1.21 16.39 3.87
C PRO A 145 -2.53 15.64 3.92
N ASN A 146 -3.56 16.19 4.57
CA ASN A 146 -4.90 15.66 4.44
C ASN A 146 -5.55 16.01 3.09
N GLY A 147 -4.79 16.60 2.16
CA GLY A 147 -5.40 17.14 0.96
C GLY A 147 -5.92 16.09 0.01
N ALA A 148 -5.17 14.99 -0.19
CA ALA A 148 -5.60 13.95 -1.10
C ALA A 148 -6.93 13.33 -0.64
N ALA A 149 -7.00 12.95 0.64
CA ALA A 149 -8.26 12.44 1.18
C ALA A 149 -9.36 13.48 1.10
N ALA A 150 -9.01 14.77 1.26
CA ALA A 150 -10.01 15.82 1.21
C ALA A 150 -10.64 15.95 -0.18
N VAL A 151 -9.82 15.90 -1.24
CA VAL A 151 -10.38 16.02 -2.57
C VAL A 151 -11.19 14.77 -2.93
N ILE A 152 -10.78 13.60 -2.42
CA ILE A 152 -11.54 12.39 -2.72
C ILE A 152 -12.89 12.42 -2.02
N GLY A 153 -12.92 12.85 -0.75
CA GLY A 153 -14.19 12.97 -0.06
C GLY A 153 -15.10 14.01 -0.70
N LEU A 154 -14.53 15.12 -1.15
CA LEU A 154 -15.33 16.15 -1.80
C LEU A 154 -15.83 15.69 -3.16
N GLN A 155 -14.99 14.98 -3.92
CA GLN A 155 -15.38 14.52 -5.25
C GLN A 155 -16.48 13.48 -5.17
N LEU A 156 -16.37 12.54 -4.23
CA LEU A 156 -17.35 11.45 -4.13
C LEU A 156 -18.48 11.75 -3.15
N GLY A 157 -18.35 12.79 -2.32
CA GLY A 157 -19.40 13.15 -1.40
C GLY A 157 -19.45 12.31 -0.13
N ALA A 158 -18.30 12.13 0.52
CA ALA A 158 -18.23 11.34 1.74
C ALA A 158 -18.39 12.27 2.94
N ARG A 159 -19.43 12.04 3.74
CA ARG A 159 -19.76 12.92 4.86
C ARG A 159 -19.72 12.21 6.21
N ALA A 160 -19.29 10.94 6.26
CA ALA A 160 -19.13 10.23 7.53
C ALA A 160 -17.67 10.18 7.98
N GLY A 161 -16.86 11.15 7.57
CA GLY A 161 -15.46 11.13 8.01
C GLY A 161 -14.49 11.05 6.84
N VAL A 162 -13.53 11.95 6.85
CA VAL A 162 -12.43 11.97 5.88
C VAL A 162 -11.13 12.03 6.68
N MET A 163 -10.35 10.96 6.65
CA MET A 163 -9.21 10.84 7.55
C MET A 163 -7.93 10.51 6.78
N THR A 164 -6.81 10.90 7.36
CA THR A 164 -5.49 10.69 6.76
C THR A 164 -4.54 10.19 7.85
N PRO A 165 -4.27 8.90 7.89
CA PRO A 165 -3.21 8.40 8.76
C PRO A 165 -1.86 8.52 8.08
N VAL A 166 -0.82 8.78 8.89
CA VAL A 166 0.53 8.92 8.39
C VAL A 166 1.42 8.00 9.22
N SER A 167 2.02 7.01 8.57
CA SER A 167 2.94 6.10 9.27
C SER A 167 3.89 5.46 8.27
N ALA A 168 4.49 6.29 7.41
CA ALA A 168 5.45 5.85 6.40
C ALA A 168 4.92 4.67 5.60
N CYS A 169 5.66 3.56 5.60
CA CYS A 169 5.33 2.43 4.73
C CYS A 169 4.02 1.77 5.08
N SER A 170 3.49 2.00 6.29
CA SER A 170 2.23 1.39 6.72
CA SER A 170 2.24 1.38 6.71
C SER A 170 1.04 2.32 6.54
N SER A 171 1.24 3.50 5.97
CA SER A 171 0.15 4.48 5.88
C SER A 171 -1.04 3.93 5.11
N GLY A 172 -0.80 3.25 3.99
CA GLY A 172 -1.90 2.78 3.15
C GLY A 172 -2.67 1.64 3.80
N SER A 173 -1.98 0.74 4.49
CA SER A 173 -2.67 -0.31 5.22
C SER A 173 -3.41 0.24 6.43
N GLU A 174 -2.78 1.17 7.16
CA GLU A 174 -3.44 1.75 8.32
C GLU A 174 -4.72 2.47 7.92
N ALA A 175 -4.74 3.08 6.73
CA ALA A 175 -5.96 3.72 6.24
C ALA A 175 -7.08 2.71 6.10
N ILE A 176 -6.77 1.54 5.52
CA ILE A 176 -7.78 0.49 5.39
C ILE A 176 -8.19 -0.03 6.77
N ALA A 177 -7.26 -0.07 7.71
CA ALA A 177 -7.57 -0.49 9.08
C ALA A 177 -8.58 0.46 9.73
N HIS A 178 -8.32 1.76 9.65
CA HIS A 178 -9.23 2.73 10.27
C HIS A 178 -10.58 2.76 9.56
N ALA A 179 -10.59 2.57 8.24
CA ALA A 179 -11.87 2.51 7.52
C ALA A 179 -12.68 1.30 7.98
N TRP A 180 -12.02 0.17 8.24
CA TRP A 180 -12.71 -0.98 8.80
C TRP A 180 -13.25 -0.68 10.19
N ARG A 181 -12.48 0.05 11.00
CA ARG A 181 -12.94 0.44 12.33
C ARG A 181 -14.14 1.38 12.24
N GLN A 182 -14.08 2.37 11.34
CA GLN A 182 -15.19 3.30 11.18
C GLN A 182 -16.49 2.59 10.81
N ILE A 183 -16.41 1.42 10.18
CA ILE A 183 -17.60 0.66 9.80
C ILE A 183 -18.10 -0.23 10.93
N VAL A 184 -17.21 -1.03 11.52
CA VAL A 184 -17.62 -1.96 12.56
C VAL A 184 -18.08 -1.24 13.83
N MET A 185 -17.69 0.02 14.00
CA MET A 185 -18.15 0.81 15.14
C MET A 185 -19.46 1.54 14.86
N GLY A 186 -19.98 1.45 13.64
CA GLY A 186 -21.29 2.00 13.33
C GLY A 186 -21.30 3.40 12.75
N ASP A 187 -20.13 3.99 12.53
CA ASP A 187 -20.07 5.36 12.01
C ASP A 187 -20.28 5.44 10.50
N ALA A 188 -20.16 4.31 9.79
CA ALA A 188 -20.32 4.32 8.34
C ALA A 188 -20.66 2.91 7.89
N ASP A 189 -21.26 2.84 6.69
CA ASP A 189 -21.56 1.57 6.05
C ASP A 189 -20.71 1.29 4.81
N VAL A 190 -20.06 2.31 4.26
CA VAL A 190 -19.24 2.15 3.06
C VAL A 190 -18.08 3.13 3.17
N ALA A 191 -16.92 2.73 2.64
CA ALA A 191 -15.73 3.56 2.75
C ALA A 191 -14.83 3.34 1.55
N VAL A 192 -14.23 4.43 1.07
CA VAL A 192 -13.12 4.38 0.14
C VAL A 192 -11.84 4.51 0.95
N CYS A 193 -10.91 3.59 0.76
CA CYS A 193 -9.68 3.59 1.54
C CYS A 193 -8.51 3.13 0.69
N GLY A 194 -7.32 3.63 1.04
CA GLY A 194 -6.10 3.24 0.36
C GLY A 194 -4.98 4.21 0.69
N GLY A 195 -4.06 4.36 -0.26
CA GLY A 195 -2.90 5.22 -0.07
C GLY A 195 -2.41 5.78 -1.38
N VAL A 196 -1.80 6.96 -1.30
CA VAL A 196 -1.18 7.62 -2.45
C VAL A 196 0.21 8.07 -2.03
N GLU A 197 1.06 8.32 -3.02
CA GLU A 197 2.46 8.65 -2.76
C GLU A 197 3.03 9.38 -3.96
N GLY A 198 4.04 10.22 -3.69
CA GLY A 198 4.66 11.00 -4.73
C GLY A 198 5.59 10.17 -5.60
N PRO A 199 6.15 10.80 -6.63
CA PRO A 199 6.99 10.08 -7.58
C PRO A 199 8.43 9.98 -7.09
N ILE A 200 9.21 9.19 -7.83
CA ILE A 200 10.64 9.05 -7.57
C ILE A 200 11.35 10.34 -7.98
N GLU A 201 12.20 10.86 -7.09
CA GLU A 201 12.99 12.04 -7.37
C GLU A 201 14.34 11.90 -6.68
N ALA A 202 15.19 12.92 -6.84
CA ALA A 202 16.57 12.84 -6.38
C ALA A 202 16.66 12.91 -4.85
N LEU A 203 15.97 13.87 -4.24
CA LEU A 203 16.03 13.97 -2.78
C LEU A 203 15.53 12.71 -2.07
N PRO A 204 14.38 12.12 -2.43
CA PRO A 204 13.99 10.86 -1.76
C PRO A 204 15.04 9.78 -1.89
N ILE A 205 15.65 9.68 -3.06
CA ILE A 205 16.70 8.68 -3.28
C ILE A 205 17.89 8.93 -2.39
N ALA A 206 18.32 10.20 -2.28
CA ALA A 206 19.49 10.51 -1.47
C ALA A 206 19.24 10.23 0.01
N ALA A 207 18.06 10.59 0.51
CA ALA A 207 17.76 10.41 1.92
C ALA A 207 17.73 8.93 2.31
N PHE A 208 17.06 8.11 1.52
CA PHE A 208 16.93 6.70 1.88
C PHE A 208 18.22 5.92 1.61
N SER A 209 18.93 6.25 0.53
CA SER A 209 20.15 5.51 0.22
C SER A 209 21.29 5.85 1.17
N MET A 210 21.21 6.99 1.87
CA MET A 210 22.24 7.28 2.87
C MET A 210 22.00 6.53 4.17
N MET A 211 20.81 5.94 4.35
CA MET A 211 20.60 4.98 5.42
C MET A 211 21.11 3.58 5.08
N ARG A 212 21.74 3.41 3.92
CA ARG A 212 22.14 2.10 3.40
C ARG A 212 20.93 1.18 3.22
N ALA A 213 19.78 1.76 2.92
CA ALA A 213 18.52 1.03 2.87
C ALA A 213 18.12 0.62 1.45
N MET A 214 18.76 1.15 0.42
CA MET A 214 18.34 0.91 -0.96
C MET A 214 19.34 0.03 -1.70
N SER A 215 18.82 -0.77 -2.61
CA SER A 215 19.67 -1.61 -3.44
C SER A 215 20.40 -0.79 -4.48
N THR A 216 21.63 -1.20 -4.79
CA THR A 216 22.48 -0.50 -5.74
C THR A 216 22.90 -1.39 -6.90
N ARG A 217 22.09 -2.40 -7.23
CA ARG A 217 22.39 -3.32 -8.33
C ARG A 217 21.87 -2.72 -9.63
N ASN A 218 22.60 -1.72 -10.12
CA ASN A 218 22.16 -0.95 -11.28
C ASN A 218 22.38 -1.66 -12.60
N ASP A 219 23.15 -2.75 -12.63
CA ASP A 219 23.43 -3.43 -13.89
C ASP A 219 22.26 -4.29 -14.35
N GLU A 220 21.54 -4.88 -13.40
CA GLU A 220 20.36 -5.72 -13.68
C GLU A 220 19.19 -5.16 -12.88
N PRO A 221 18.52 -4.11 -13.39
CA PRO A 221 17.48 -3.45 -12.59
C PRO A 221 16.37 -4.38 -12.13
N GLU A 222 15.92 -5.27 -13.01
CA GLU A 222 14.83 -6.19 -12.67
C GLU A 222 15.23 -7.22 -11.63
N ARG A 223 16.51 -7.36 -11.32
CA ARG A 223 16.98 -8.35 -10.37
C ARG A 223 17.49 -7.75 -9.06
N ALA A 224 17.30 -6.44 -8.86
CA ALA A 224 17.84 -5.80 -7.66
C ALA A 224 16.98 -6.07 -6.43
N SER A 225 15.66 -6.06 -6.58
CA SER A 225 14.74 -6.23 -5.45
C SER A 225 14.62 -7.72 -5.17
N ARG A 226 15.28 -8.19 -4.12
CA ARG A 226 15.41 -9.63 -3.82
C ARG A 226 14.97 -9.93 -2.39
N PRO A 227 13.68 -9.80 -2.09
CA PRO A 227 13.22 -10.07 -0.73
C PRO A 227 13.44 -11.51 -0.32
N PHE A 228 13.98 -11.69 0.89
CA PHE A 228 14.29 -12.98 1.51
C PHE A 228 15.38 -13.75 0.80
N ASP A 229 16.01 -13.16 -0.22
CA ASP A 229 17.13 -13.79 -0.90
C ASP A 229 18.43 -13.47 -0.19
N LYS A 230 19.37 -14.42 -0.27
CA LYS A 230 20.65 -14.28 0.42
C LYS A 230 21.45 -13.09 -0.13
N ASP A 231 21.31 -12.79 -1.42
CA ASP A 231 22.02 -11.67 -2.02
C ASP A 231 21.25 -10.36 -1.89
N ARG A 232 20.48 -10.22 -0.80
CA ARG A 232 19.73 -8.99 -0.54
C ARG A 232 20.64 -7.76 -0.62
N ASP A 233 20.05 -6.64 -1.03
CA ASP A 233 20.80 -5.41 -1.19
C ASP A 233 20.06 -4.17 -0.70
N GLY A 234 18.82 -4.30 -0.24
CA GLY A 234 17.97 -3.16 0.08
C GLY A 234 16.77 -3.10 -0.84
N PHE A 235 15.94 -2.08 -0.60
CA PHE A 235 14.73 -1.93 -1.39
C PHE A 235 14.97 -1.06 -2.62
N VAL A 236 14.01 -1.12 -3.55
CA VAL A 236 14.00 -0.31 -4.76
C VAL A 236 12.69 0.44 -4.84
N PHE A 237 12.74 1.71 -5.24
CA PHE A 237 11.53 2.51 -5.37
C PHE A 237 10.66 2.01 -6.53
N GLY A 238 9.36 1.92 -6.28
CA GLY A 238 8.39 1.64 -7.31
C GLY A 238 7.11 2.42 -7.07
N GLU A 239 6.78 3.34 -7.98
CA GLU A 239 5.65 4.24 -7.76
C GLU A 239 4.33 3.47 -7.80
N ALA A 240 3.38 3.95 -6.99
CA ALA A 240 2.07 3.31 -6.95
C ALA A 240 1.05 4.21 -6.26
N GLY A 241 -0.20 3.96 -6.56
CA GLY A 241 -1.31 4.44 -5.75
C GLY A 241 -2.41 3.41 -5.84
N ALA A 242 -3.19 3.28 -4.77
CA ALA A 242 -4.21 2.25 -4.74
C ALA A 242 -5.35 2.63 -3.82
N LEU A 243 -6.56 2.30 -4.24
CA LEU A 243 -7.76 2.51 -3.45
C LEU A 243 -8.63 1.28 -3.56
N MET A 244 -9.39 1.00 -2.51
CA MET A 244 -10.37 -0.07 -2.54
C MET A 244 -11.67 0.44 -1.93
N LEU A 245 -12.78 -0.16 -2.36
CA LEU A 245 -14.10 0.16 -1.82
C LEU A 245 -14.52 -0.98 -0.89
N ILE A 246 -14.74 -0.65 0.37
CA ILE A 246 -15.24 -1.62 1.34
C ILE A 246 -16.58 -1.14 1.85
N GLU A 247 -17.41 -2.11 2.26
CA GLU A 247 -18.76 -1.82 2.73
C GLU A 247 -19.26 -3.05 3.48
N THR A 248 -20.25 -2.83 4.34
CA THR A 248 -20.89 -3.96 5.02
C THR A 248 -21.50 -4.90 3.99
N GLU A 249 -21.48 -6.20 4.30
CA GLU A 249 -22.06 -7.19 3.41
C GLU A 249 -23.54 -6.92 3.17
N GLU A 250 -24.26 -6.49 4.22
CA GLU A 250 -25.65 -6.09 4.07
C GLU A 250 -25.78 -4.96 3.05
N HIS A 251 -24.87 -3.98 3.08
CA HIS A 251 -24.94 -2.86 2.15
C HIS A 251 -24.61 -3.30 0.73
N ALA A 252 -23.72 -4.28 0.58
CA ALA A 252 -23.32 -4.71 -0.76
C ALA A 252 -24.41 -5.53 -1.43
N LYS A 253 -25.08 -6.42 -0.68
CA LYS A 253 -26.11 -7.25 -1.27
C LYS A 253 -27.34 -6.45 -1.67
N ALA A 254 -27.64 -5.37 -0.95
CA ALA A 254 -28.81 -4.54 -1.26
C ALA A 254 -28.63 -3.69 -2.50
N ARG A 255 -27.41 -3.52 -3.00
CA ARG A 255 -27.17 -2.78 -4.23
C ARG A 255 -26.73 -3.68 -5.38
N GLY A 256 -26.69 -4.99 -5.18
CA GLY A 256 -26.28 -5.92 -6.22
C GLY A 256 -24.80 -5.90 -6.56
N ALA A 257 -23.94 -5.74 -5.56
CA ALA A 257 -22.50 -5.69 -5.78
C ALA A 257 -21.88 -7.05 -5.50
N LYS A 258 -21.00 -7.50 -6.41
CA LYS A 258 -20.32 -8.78 -6.25
C LYS A 258 -19.05 -8.57 -5.42
N PRO A 259 -18.98 -9.06 -4.20
CA PRO A 259 -17.77 -8.85 -3.38
C PRO A 259 -16.58 -9.63 -3.92
N LEU A 260 -15.40 -9.01 -3.78
CA LEU A 260 -14.16 -9.64 -4.20
C LEU A 260 -13.51 -10.46 -3.10
N ALA A 261 -13.71 -10.07 -1.85
CA ALA A 261 -13.13 -10.74 -0.69
C ALA A 261 -13.77 -10.15 0.56
N ARG A 262 -13.38 -10.67 1.72
CA ARG A 262 -13.82 -10.18 3.00
C ARG A 262 -12.66 -9.52 3.74
N LEU A 263 -12.93 -8.38 4.36
CA LEU A 263 -11.99 -7.72 5.27
C LEU A 263 -12.41 -8.08 6.70
N LEU A 264 -11.59 -8.89 7.37
CA LEU A 264 -12.00 -9.56 8.59
C LEU A 264 -11.49 -8.89 9.86
N GLY A 265 -10.29 -8.33 9.84
CA GLY A 265 -9.75 -7.67 11.04
C GLY A 265 -8.48 -6.92 10.73
N ALA A 266 -8.07 -6.11 11.70
CA ALA A 266 -6.90 -5.26 11.53
C ALA A 266 -6.21 -5.03 12.87
N GLY A 267 -4.90 -5.28 12.91
CA GLY A 267 -4.13 -5.09 14.12
C GLY A 267 -3.04 -4.03 13.97
N ILE A 268 -2.98 -3.09 14.90
CA ILE A 268 -2.00 -2.00 14.85
C ILE A 268 -1.22 -2.03 16.16
N THR A 269 0.09 -2.26 16.05
CA THR A 269 1.01 -2.21 17.18
C THR A 269 2.19 -1.33 16.80
N SER A 270 3.14 -1.21 17.72
CA SER A 270 4.33 -0.43 17.45
C SER A 270 5.53 -1.05 18.15
N ASP A 271 6.72 -0.82 17.58
CA ASP A 271 7.93 -1.42 18.12
C ASP A 271 8.48 -0.64 19.31
N ALA A 272 8.50 0.69 19.21
CA ALA A 272 9.17 1.54 20.20
C ALA A 272 10.59 1.07 20.44
N PHE A 273 11.34 0.94 19.34
CA PHE A 273 12.68 0.37 19.35
C PHE A 273 13.71 1.27 18.71
N HIS A 274 13.39 1.87 17.57
CA HIS A 274 14.34 2.67 16.80
C HIS A 274 13.55 3.50 15.79
N MET A 275 14.13 4.64 15.39
CA MET A 275 13.42 5.58 14.55
C MET A 275 13.24 5.08 13.10
N VAL A 276 14.07 4.14 12.64
CA VAL A 276 13.95 3.65 11.27
C VAL A 276 14.12 2.13 11.20
N ALA A 277 14.77 1.54 12.19
CA ALA A 277 15.04 0.11 12.05
C ALA A 277 14.02 -0.72 12.82
N PRO A 278 13.58 -1.84 12.25
CA PRO A 278 12.64 -2.72 12.97
C PRO A 278 13.32 -3.53 14.05
N ALA A 279 12.53 -3.90 15.06
CA ALA A 279 13.01 -4.78 16.12
C ALA A 279 13.35 -6.15 15.55
N ALA A 280 14.52 -6.68 15.94
CA ALA A 280 14.98 -7.95 15.39
C ALA A 280 14.10 -9.12 15.82
N ASP A 281 13.57 -9.09 17.05
CA ASP A 281 12.78 -10.21 17.52
C ASP A 281 11.40 -10.28 16.88
N GLY A 282 10.97 -9.22 16.19
CA GLY A 282 9.69 -9.24 15.52
C GLY A 282 8.50 -9.51 16.41
N VAL A 283 8.62 -9.23 17.71
CA VAL A 283 7.56 -9.57 18.65
C VAL A 283 6.33 -8.69 18.42
N ARG A 284 6.53 -7.37 18.35
CA ARG A 284 5.40 -6.46 18.22
C ARG A 284 4.80 -6.54 16.82
N ALA A 285 5.63 -6.74 15.80
CA ALA A 285 5.12 -6.93 14.44
C ALA A 285 4.27 -8.20 14.37
N GLY A 286 4.71 -9.27 15.03
CA GLY A 286 3.92 -10.49 15.07
C GLY A 286 2.63 -10.31 15.85
N ARG A 287 2.67 -9.51 16.92
CA ARG A 287 1.47 -9.24 17.70
C ARG A 287 0.41 -8.53 16.86
N ALA A 288 0.84 -7.71 15.89
CA ALA A 288 -0.14 -7.08 15.00
C ALA A 288 -0.84 -8.13 14.14
N MET A 289 -0.10 -9.13 13.66
CA MET A 289 -0.74 -10.24 12.95
C MET A 289 -1.69 -10.99 13.87
N THR A 290 -1.23 -11.31 15.08
CA THR A 290 -2.08 -11.99 16.06
C THR A 290 -3.33 -11.19 16.34
N ARG A 291 -3.19 -9.87 16.49
CA ARG A 291 -4.33 -9.02 16.82
C ARG A 291 -5.37 -9.02 15.69
N SER A 292 -4.92 -9.02 14.44
CA SER A 292 -5.86 -9.09 13.33
C SER A 292 -6.60 -10.42 13.33
N LEU A 293 -5.94 -11.50 13.75
CA LEU A 293 -6.63 -12.78 13.86
C LEU A 293 -7.65 -12.77 14.98
N GLU A 294 -7.31 -12.13 16.12
CA GLU A 294 -8.24 -12.07 17.24
C GLU A 294 -9.53 -11.37 16.87
N LEU A 295 -9.41 -10.21 16.21
CA LEU A 295 -10.60 -9.47 15.80
C LEU A 295 -11.35 -10.19 14.69
N ALA A 296 -10.64 -10.94 13.85
CA ALA A 296 -11.29 -11.69 12.78
C ALA A 296 -11.94 -12.96 13.27
N GLY A 297 -11.40 -13.58 14.31
CA GLY A 297 -11.86 -14.86 14.79
C GLY A 297 -11.10 -16.04 14.24
N LEU A 298 -9.83 -15.88 13.89
CA LEU A 298 -9.03 -16.91 13.26
C LEU A 298 -7.95 -17.40 14.21
N SER A 299 -7.25 -18.44 13.78
CA SER A 299 -6.08 -18.98 14.43
C SER A 299 -4.95 -19.04 13.42
N PRO A 300 -3.69 -19.09 13.86
CA PRO A 300 -2.58 -19.16 12.89
C PRO A 300 -2.71 -20.30 11.89
N ALA A 301 -3.38 -21.38 12.25
CA ALA A 301 -3.51 -22.52 11.34
C ALA A 301 -4.37 -22.19 10.13
N ASP A 302 -5.32 -21.26 10.27
CA ASP A 302 -6.21 -20.92 9.16
C ASP A 302 -5.55 -20.04 8.10
N ILE A 303 -4.36 -19.51 8.38
CA ILE A 303 -3.70 -18.57 7.46
C ILE A 303 -2.92 -19.37 6.42
N ASP A 304 -3.44 -19.39 5.19
CA ASP A 304 -2.76 -20.07 4.10
C ASP A 304 -1.76 -19.18 3.38
N HIS A 305 -1.87 -17.86 3.51
CA HIS A 305 -1.10 -16.95 2.69
C HIS A 305 -0.74 -15.71 3.50
N VAL A 306 0.49 -15.26 3.33
CA VAL A 306 0.95 -14.01 3.93
C VAL A 306 1.56 -13.17 2.82
N ASN A 307 0.98 -12.00 2.57
CA ASN A 307 1.57 -11.00 1.69
C ASN A 307 2.55 -10.21 2.53
N ALA A 308 3.84 -10.50 2.38
CA ALA A 308 4.84 -9.97 3.28
C ALA A 308 5.12 -8.49 2.99
N HIS A 309 5.60 -7.80 4.02
CA HIS A 309 6.15 -6.46 3.81
C HIS A 309 7.35 -6.51 2.88
N GLY A 310 8.26 -7.46 3.11
CA GLY A 310 9.35 -7.81 2.23
C GLY A 310 10.00 -6.69 1.43
N THR A 311 10.68 -5.77 2.10
CA THR A 311 11.33 -4.67 1.40
C THR A 311 12.64 -5.08 0.73
N ALA A 312 13.25 -6.18 1.17
CA ALA A 312 14.53 -6.74 0.73
C ALA A 312 15.72 -6.04 1.37
N THR A 313 15.53 -5.27 2.44
CA THR A 313 16.69 -4.88 3.25
C THR A 313 17.14 -6.08 4.07
N PRO A 314 18.44 -6.15 4.39
CA PRO A 314 18.91 -7.30 5.20
C PRO A 314 18.19 -7.43 6.53
N ILE A 315 18.09 -6.34 7.30
CA ILE A 315 17.47 -6.44 8.62
C ILE A 315 15.95 -6.49 8.53
N GLY A 316 15.36 -5.91 7.48
CA GLY A 316 13.92 -5.89 7.38
C GLY A 316 13.32 -7.28 7.20
N ASP A 317 13.82 -8.03 6.22
CA ASP A 317 13.30 -9.36 5.99
C ASP A 317 13.63 -10.31 7.13
N ALA A 318 14.78 -10.12 7.79
CA ALA A 318 15.10 -10.97 8.93
C ALA A 318 14.12 -10.74 10.06
N ALA A 319 13.78 -9.47 10.33
CA ALA A 319 12.82 -9.15 11.38
C ALA A 319 11.43 -9.69 11.06
N GLU A 320 11.02 -9.62 9.79
CA GLU A 320 9.68 -10.08 9.43
C GLU A 320 9.58 -11.60 9.49
N ALA A 321 10.65 -12.30 9.09
CA ALA A 321 10.69 -13.75 9.25
C ALA A 321 10.47 -14.15 10.70
N ASN A 322 11.13 -13.45 11.64
CA ASN A 322 10.87 -13.69 13.05
C ASN A 322 9.44 -13.34 13.41
N ALA A 323 8.91 -12.24 12.87
CA ALA A 323 7.55 -11.82 13.16
C ALA A 323 6.54 -12.88 12.70
N ILE A 324 6.71 -13.39 11.49
CA ILE A 324 5.82 -14.43 10.99
C ILE A 324 5.90 -15.67 11.88
N ARG A 325 7.11 -16.02 12.31
CA ARG A 325 7.28 -17.16 13.21
C ARG A 325 6.64 -16.89 14.57
N VAL A 326 6.82 -15.66 15.09
CA VAL A 326 6.20 -15.31 16.37
C VAL A 326 4.68 -15.42 16.28
N ALA A 327 4.10 -14.97 15.16
CA ALA A 327 2.66 -15.05 15.00
C ALA A 327 2.17 -16.47 14.74
N GLY A 328 3.07 -17.42 14.48
CA GLY A 328 2.68 -18.79 14.22
C GLY A 328 2.19 -19.06 12.82
N CYS A 329 2.49 -18.18 11.86
CA CYS A 329 2.06 -18.35 10.48
C CYS A 329 3.21 -18.78 9.58
N ASP A 330 4.21 -19.47 10.14
CA ASP A 330 5.40 -19.84 9.38
C ASP A 330 5.10 -20.86 8.28
N GLN A 331 4.00 -21.61 8.40
CA GLN A 331 3.66 -22.59 7.37
C GLN A 331 2.90 -21.99 6.20
N ALA A 332 2.60 -20.70 6.24
CA ALA A 332 1.83 -20.06 5.18
C ALA A 332 2.68 -19.81 3.95
N ALA A 333 2.03 -19.75 2.79
CA ALA A 333 2.70 -19.41 1.54
C ALA A 333 2.92 -17.91 1.48
N VAL A 334 4.18 -17.50 1.34
CA VAL A 334 4.56 -16.09 1.44
C VAL A 334 4.81 -15.51 0.06
N TYR A 335 4.28 -14.32 -0.18
CA TYR A 335 4.53 -13.53 -1.38
C TYR A 335 5.13 -12.19 -0.97
N ALA A 336 6.15 -11.75 -1.71
CA ALA A 336 6.76 -10.42 -1.51
C ALA A 336 6.62 -9.62 -2.79
N PRO A 337 5.51 -8.89 -2.96
CA PRO A 337 5.29 -8.17 -4.24
C PRO A 337 6.29 -7.06 -4.51
N LYS A 338 7.00 -6.55 -3.50
CA LYS A 338 8.03 -5.55 -3.76
C LYS A 338 9.15 -6.10 -4.65
N SER A 339 9.23 -7.42 -4.81
CA SER A 339 10.19 -8.02 -5.73
C SER A 339 9.95 -7.56 -7.17
N ALA A 340 8.71 -7.25 -7.52
CA ALA A 340 8.33 -6.84 -8.87
C ALA A 340 7.85 -5.40 -8.96
N LEU A 341 7.17 -4.89 -7.93
CA LEU A 341 6.56 -3.57 -7.95
C LEU A 341 7.35 -2.53 -7.18
N GLY A 342 8.33 -2.93 -6.38
CA GLY A 342 9.07 -1.97 -5.61
C GLY A 342 8.26 -1.42 -4.43
N HIS A 343 8.84 -0.40 -3.82
CA HIS A 343 8.35 0.18 -2.57
C HIS A 343 7.80 1.57 -2.85
N SER A 344 6.51 1.77 -2.57
CA SER A 344 5.84 3.06 -2.76
C SER A 344 5.43 3.71 -1.44
N ILE A 345 6.11 3.37 -0.34
CA ILE A 345 5.96 4.06 0.94
C ILE A 345 4.49 4.15 1.37
N GLY A 346 3.92 5.35 1.32
CA GLY A 346 2.58 5.58 1.81
C GLY A 346 1.48 4.87 1.05
N ALA A 347 1.77 4.38 -0.16
CA ALA A 347 0.78 3.70 -0.97
C ALA A 347 0.91 2.18 -0.99
N VAL A 348 2.10 1.64 -0.68
CA VAL A 348 2.36 0.23 -0.94
C VAL A 348 1.48 -0.68 -0.09
N GLY A 349 1.19 -0.27 1.15
CA GLY A 349 0.31 -1.07 1.99
C GLY A 349 -1.07 -1.23 1.37
N ALA A 350 -1.57 -0.17 0.72
CA ALA A 350 -2.85 -0.27 0.03
C ALA A 350 -2.74 -1.13 -1.22
N LEU A 351 -1.66 -0.98 -1.98
CA LEU A 351 -1.47 -1.78 -3.18
C LEU A 351 -1.38 -3.26 -2.84
N GLU A 352 -0.57 -3.62 -1.83
CA GLU A 352 -0.44 -5.02 -1.45
C GLU A 352 -1.73 -5.57 -0.85
N SER A 353 -2.58 -4.71 -0.29
CA SER A 353 -3.90 -5.17 0.14
C SER A 353 -4.77 -5.54 -1.05
N VAL A 354 -4.71 -4.74 -2.12
CA VAL A 354 -5.43 -5.10 -3.34
C VAL A 354 -4.91 -6.42 -3.90
N LEU A 355 -3.60 -6.61 -3.89
CA LEU A 355 -3.03 -7.87 -4.38
C LEU A 355 -3.44 -9.05 -3.51
N THR A 356 -3.57 -8.83 -2.20
CA THR A 356 -4.07 -9.89 -1.32
C THR A 356 -5.50 -10.29 -1.69
N VAL A 357 -6.34 -9.29 -1.97
CA VAL A 357 -7.72 -9.58 -2.33
C VAL A 357 -7.78 -10.37 -3.63
N LEU A 358 -6.98 -9.97 -4.62
CA LEU A 358 -6.96 -10.68 -5.89
C LEU A 358 -6.42 -12.10 -5.74
N THR A 359 -5.48 -12.31 -4.82
CA THR A 359 -4.98 -13.66 -4.57
C THR A 359 -6.08 -14.56 -4.03
N LEU A 360 -6.87 -14.06 -3.09
CA LEU A 360 -7.97 -14.85 -2.54
C LEU A 360 -9.07 -15.06 -3.57
N ARG A 361 -9.27 -14.09 -4.47
CA ARG A 361 -10.33 -14.22 -5.47
C ARG A 361 -9.97 -15.29 -6.50
N ASP A 362 -8.75 -15.26 -7.03
CA ASP A 362 -8.36 -16.15 -8.11
C ASP A 362 -7.63 -17.40 -7.63
N GLY A 363 -7.39 -17.53 -6.33
CA GLY A 363 -6.71 -18.71 -5.81
C GLY A 363 -5.31 -18.91 -6.37
N VAL A 364 -4.55 -17.83 -6.50
CA VAL A 364 -3.22 -17.91 -7.11
C VAL A 364 -2.32 -16.85 -6.48
N ILE A 365 -1.06 -17.20 -6.32
CA ILE A 365 -0.06 -16.30 -5.77
C ILE A 365 1.02 -16.10 -6.83
N PRO A 366 1.32 -14.86 -7.23
CA PRO A 366 2.39 -14.63 -8.19
C PRO A 366 3.73 -15.03 -7.59
N PRO A 367 4.73 -15.31 -8.43
CA PRO A 367 6.04 -15.69 -7.91
C PRO A 367 6.81 -14.49 -7.40
N THR A 368 7.51 -14.68 -6.28
CA THR A 368 8.43 -13.67 -5.77
C THR A 368 9.66 -13.65 -6.67
N LEU A 369 9.86 -12.53 -7.37
CA LEU A 369 10.96 -12.45 -8.31
C LEU A 369 12.31 -12.45 -7.59
N ASN A 370 13.33 -12.94 -8.28
CA ASN A 370 14.73 -12.91 -7.86
C ASN A 370 15.00 -13.74 -6.61
N TYR A 371 14.05 -14.59 -6.19
CA TYR A 371 14.27 -15.49 -5.07
C TYR A 371 14.94 -16.74 -5.60
N GLU A 372 16.27 -16.74 -5.56
CA GLU A 372 17.06 -17.83 -6.14
C GLU A 372 17.92 -18.57 -5.14
N THR A 373 18.48 -17.88 -4.15
CA THR A 373 19.27 -18.52 -3.10
C THR A 373 18.65 -18.17 -1.75
N PRO A 374 17.90 -19.08 -1.13
CA PRO A 374 17.23 -18.76 0.13
C PRO A 374 18.24 -18.42 1.22
N ASP A 375 17.97 -17.35 1.94
CA ASP A 375 18.76 -17.00 3.10
C ASP A 375 18.66 -18.12 4.13
N PRO A 376 19.77 -18.66 4.62
CA PRO A 376 19.69 -19.76 5.58
C PRO A 376 18.94 -19.40 6.85
N GLU A 377 18.95 -18.14 7.25
CA GLU A 377 18.29 -17.72 8.47
C GLU A 377 16.80 -17.47 8.29
N ILE A 378 16.32 -17.43 7.06
CA ILE A 378 14.91 -17.22 6.77
C ILE A 378 14.40 -18.50 6.15
N ASP A 379 13.73 -19.32 6.96
CA ASP A 379 13.12 -20.55 6.48
C ASP A 379 11.62 -20.31 6.35
N LEU A 380 11.23 -19.76 5.20
CA LEU A 380 9.84 -19.46 4.90
C LEU A 380 9.45 -20.09 3.57
N ASP A 381 8.16 -20.40 3.43
CA ASP A 381 7.65 -21.03 2.21
C ASP A 381 7.21 -19.92 1.26
N VAL A 382 8.19 -19.37 0.56
CA VAL A 382 7.93 -18.25 -0.34
C VAL A 382 7.62 -18.80 -1.74
N VAL A 383 6.61 -18.22 -2.38
CA VAL A 383 6.24 -18.64 -3.73
C VAL A 383 7.25 -18.07 -4.72
N ALA A 384 7.75 -18.92 -5.62
CA ALA A 384 8.79 -18.51 -6.54
C ALA A 384 8.73 -19.35 -7.80
N GLY A 385 9.41 -18.88 -8.84
CA GLY A 385 9.50 -19.59 -10.10
C GLY A 385 8.33 -19.35 -11.03
N GLU A 386 7.14 -19.77 -10.61
CA GLU A 386 5.90 -19.63 -11.35
C GLU A 386 4.78 -19.38 -10.35
N PRO A 387 3.63 -18.88 -10.80
CA PRO A 387 2.51 -18.72 -9.88
C PRO A 387 2.12 -20.05 -9.24
N ARG A 388 1.74 -20.00 -7.97
CA ARG A 388 1.30 -21.19 -7.24
C ARG A 388 -0.21 -21.11 -7.08
N TYR A 389 -0.91 -21.99 -7.78
CA TYR A 389 -2.36 -22.11 -7.62
C TYR A 389 -2.66 -22.96 -6.38
N GLY A 390 -3.50 -22.42 -5.49
CA GLY A 390 -3.79 -23.12 -4.26
C GLY A 390 -5.12 -22.72 -3.69
N ASP A 391 -5.57 -23.50 -2.71
CA ASP A 391 -6.84 -23.26 -2.03
C ASP A 391 -6.59 -22.36 -0.82
N TYR A 392 -6.42 -21.07 -1.10
CA TYR A 392 -6.18 -20.06 -0.08
C TYR A 392 -7.50 -19.52 0.44
N ARG A 393 -7.77 -19.72 1.73
CA ARG A 393 -9.02 -19.31 2.36
C ARG A 393 -8.89 -18.03 3.16
N TYR A 394 -7.74 -17.83 3.82
CA TYR A 394 -7.51 -16.64 4.63
C TYR A 394 -6.07 -16.18 4.41
N ALA A 395 -5.88 -14.87 4.36
CA ALA A 395 -4.56 -14.31 4.14
C ALA A 395 -4.37 -13.08 5.02
N VAL A 396 -3.11 -12.78 5.30
CA VAL A 396 -2.72 -11.61 6.09
C VAL A 396 -1.74 -10.78 5.27
N ASN A 397 -2.01 -9.48 5.17
CA ASN A 397 -1.12 -8.54 4.51
C ASN A 397 -0.34 -7.77 5.57
N ASN A 398 0.98 -7.77 5.47
CA ASN A 398 1.85 -7.15 6.45
C ASN A 398 2.39 -5.83 5.91
N SER A 399 2.53 -4.86 6.82
CA SER A 399 3.15 -3.58 6.50
CA SER A 399 3.15 -3.58 6.50
C SER A 399 3.83 -3.06 7.76
N PHE A 400 5.16 -3.08 7.77
CA PHE A 400 5.95 -2.61 8.92
C PHE A 400 6.77 -1.40 8.48
N GLY A 401 6.27 -0.20 8.77
CA GLY A 401 6.88 1.01 8.27
C GLY A 401 7.95 1.60 9.20
N PHE A 402 8.78 2.46 8.61
CA PHE A 402 9.79 3.18 9.37
C PHE A 402 9.14 3.95 10.52
N GLY A 403 9.79 3.91 11.67
CA GLY A 403 9.23 4.41 12.91
C GLY A 403 8.68 3.33 13.81
N GLY A 404 8.63 2.09 13.35
CA GLY A 404 8.10 0.99 14.14
C GLY A 404 6.61 0.81 14.08
N HIS A 405 5.97 1.17 12.96
CA HIS A 405 4.52 1.10 12.83
C HIS A 405 4.14 -0.20 12.14
N ASN A 406 3.43 -1.06 12.88
CA ASN A 406 3.07 -2.39 12.41
C ASN A 406 1.57 -2.45 12.18
N VAL A 407 1.17 -2.78 10.95
CA VAL A 407 -0.22 -2.96 10.58
C VAL A 407 -0.36 -4.32 9.93
N ALA A 408 -1.36 -5.09 10.35
CA ALA A 408 -1.68 -6.38 9.76
C ALA A 408 -3.15 -6.40 9.42
N LEU A 409 -3.48 -6.75 8.19
CA LEU A 409 -4.85 -6.82 7.72
C LEU A 409 -5.19 -8.28 7.40
N ALA A 410 -6.23 -8.81 8.03
CA ALA A 410 -6.67 -10.19 7.84
C ALA A 410 -7.78 -10.22 6.81
N PHE A 411 -7.58 -10.98 5.73
CA PHE A 411 -8.51 -11.06 4.62
C PHE A 411 -9.00 -12.49 4.44
N GLY A 412 -10.22 -12.63 3.93
CA GLY A 412 -10.80 -13.94 3.71
C GLY A 412 -11.47 -14.02 2.36
N ARG A 413 -11.42 -15.23 1.79
CA ARG A 413 -12.10 -15.46 0.52
C ARG A 413 -13.60 -15.31 0.69
N TYR A 414 -14.24 -14.68 -0.29
CA TYR A 414 -15.68 -14.52 -0.28
C TYR A 414 -16.37 -15.75 -0.86
#